data_9MID
#
_entry.id   9MID
#
_cell.length_a   141.105
_cell.length_b   44.474
_cell.length_c   103.977
_cell.angle_alpha   90.00
_cell.angle_beta   119.89
_cell.angle_gamma   90.00
#
_symmetry.space_group_name_H-M   'C 1 2 1'
#
loop_
_entity.id
_entity.type
_entity.pdbx_description
1 polymer '3G08 Fab Heavy Chain'
2 polymer '3G08 Fab Light Chain'
3 polymer 'eOD-GT8 engineered mutant of gp120'
4 non-polymer 2-acetamido-2-deoxy-beta-D-glucopyranose
5 water water
#
loop_
_entity_poly.entity_id
_entity_poly.type
_entity_poly.pdbx_seq_one_letter_code
_entity_poly.pdbx_strand_id
1 'polypeptide(L)'
;QVQLVQSGAEVKKPGASVKVSCKASGYTFTGHYMHWVRQAPGQGLEWMGWINPYSSGTNYAQNFQGRVTMTRDTSITTAY
MELSRLRSDDTAVYYCARAPDYGDRWDFDYWGQGTLVTVFNQIKGPSVFPLAPSSKSTSGGTAALGCLVKDYFPEPVTVS
WNSGALTSGVHTFPAVLQSSGLYSLSSVVTVPSSSLGTQTYICNVNHKPSNTKVDKKVEPKSC
;
H
2 'polypeptide(L)'
;QSALTQPPSASGSPGQSVTISCTGTSSDVGGYNYVSWYQQHPGKAPKVIIYEVSKRPSGVPDRFSGSKSGNTASLTVSGL
QADDEADYYCSSYEVFGTGTKVTVLGQPKAAPSVTLFPPSSEELQANKATLVCLISDFYPGAVTVAWKADSSPVKAGVET
TTPSKQSNNKYAASSYLSLTPEQWKSHRSYSCQVTHEGSTVEKTVAPTECS
;
L
3 'polypeptide(L)'
;DTITLPCRPAPPPHCSSNITGLILTRQGGYSNANTVIFRPSGGDWRDIARCQIAGTVVSTQLFLNGSLAEEEVVIRSEDW
RDNAKSICVQLATSVEIACTGAGHCAISRAKWANTLKQIASKLREQYGAKTIIFKPSSGGDPEFVNHSFNCGGEFFYCAS
TQLFASTWFASTGTGTKHHHHHH
;
C
#
# COMPACT_ATOMS: atom_id res chain seq x y z
N GLN A 1 -0.10 26.30 13.42
CA GLN A 1 -0.33 25.62 12.15
C GLN A 1 0.48 24.32 12.06
N VAL A 2 -0.21 23.19 11.99
CA VAL A 2 0.47 21.91 11.82
C VAL A 2 1.04 21.83 10.42
N GLN A 3 2.32 21.46 10.32
CA GLN A 3 2.95 21.21 9.04
C GLN A 3 3.72 19.89 9.10
N LEU A 4 3.62 19.12 8.04
CA LEU A 4 4.44 17.94 7.82
C LEU A 4 5.12 18.14 6.48
N VAL A 5 6.45 18.26 6.49
CA VAL A 5 7.20 18.58 5.28
C VAL A 5 8.14 17.41 5.00
N GLN A 6 8.02 16.82 3.82
CA GLN A 6 8.77 15.64 3.45
C GLN A 6 9.97 16.00 2.57
N SER A 7 10.92 15.07 2.51
CA SER A 7 12.08 15.20 1.65
C SER A 7 11.67 15.11 0.18
N GLY A 8 12.52 15.63 -0.70
CA GLY A 8 12.22 15.70 -2.11
C GLY A 8 12.26 14.34 -2.82
N ALA A 9 11.90 14.37 -4.11
CA ALA A 9 11.75 13.13 -4.89
C ALA A 9 13.06 12.38 -5.02
N GLU A 10 12.95 11.06 -5.17
CA GLU A 10 14.09 10.16 -5.15
C GLU A 10 14.05 9.26 -6.39
N VAL A 11 15.23 8.94 -6.91
CA VAL A 11 15.37 8.07 -8.08
C VAL A 11 16.42 7.01 -7.75
N LYS A 12 16.03 5.75 -7.83
CA LYS A 12 16.84 4.65 -7.32
C LYS A 12 16.93 3.55 -8.36
N LYS A 13 17.87 2.65 -8.16
CA LYS A 13 17.98 1.43 -8.94
C LYS A 13 17.51 0.24 -8.12
N PRO A 14 17.14 -0.86 -8.77
CA PRO A 14 16.72 -2.05 -8.02
C PRO A 14 17.82 -2.51 -7.05
N GLY A 15 17.39 -2.90 -5.86
CA GLY A 15 18.27 -3.29 -4.79
C GLY A 15 18.65 -2.17 -3.85
N ALA A 16 18.39 -0.93 -4.21
CA ALA A 16 18.71 0.19 -3.33
C ALA A 16 17.75 0.23 -2.16
N SER A 17 18.08 1.06 -1.18
CA SER A 17 17.18 1.47 -0.12
C SER A 17 16.85 2.94 -0.26
N VAL A 18 15.70 3.34 0.27
CA VAL A 18 15.33 4.75 0.33
C VAL A 18 14.90 5.07 1.75
N LYS A 19 15.19 6.30 2.17
CA LYS A 19 14.75 6.77 3.47
C LYS A 19 14.08 8.12 3.25
N VAL A 20 12.79 8.18 3.53
CA VAL A 20 11.98 9.38 3.38
C VAL A 20 11.88 10.06 4.74
N SER A 21 12.10 11.37 4.78
CA SER A 21 11.98 12.11 6.02
C SER A 21 10.70 12.93 6.04
N CYS A 22 10.19 13.15 7.25
CA CYS A 22 8.91 13.84 7.48
C CYS A 22 9.10 14.74 8.70
N LYS A 23 9.33 16.02 8.43
CA LYS A 23 9.60 17.01 9.45
C LYS A 23 8.27 17.59 9.93
N ALA A 24 8.01 17.45 11.22
CA ALA A 24 6.77 17.91 11.83
C ALA A 24 7.01 19.21 12.57
N SER A 25 5.99 20.07 12.58
CA SER A 25 6.01 21.26 13.41
C SER A 25 4.57 21.67 13.72
N GLY A 26 4.42 22.47 14.77
CA GLY A 26 3.14 23.04 15.12
C GLY A 26 2.27 22.21 16.04
N TYR A 27 2.78 21.11 16.60
CA TYR A 27 2.02 20.28 17.52
C TYR A 27 2.99 19.44 18.36
N THR A 28 2.42 18.67 19.27
CA THR A 28 3.21 17.81 20.16
C THR A 28 3.66 16.58 19.37
N PHE A 29 4.93 16.58 18.96
CA PHE A 29 5.42 15.52 18.06
C PHE A 29 5.27 14.14 18.69
N THR A 30 5.65 13.98 19.95
CA THR A 30 5.52 12.68 20.59
C THR A 30 4.09 12.34 20.98
N GLY A 31 3.12 13.24 20.73
CA GLY A 31 1.76 13.01 21.14
C GLY A 31 0.85 12.35 20.11
N HIS A 32 1.29 12.23 18.86
CA HIS A 32 0.47 11.67 17.79
C HIS A 32 1.25 10.56 17.09
N TYR A 33 0.59 9.41 16.91
CA TYR A 33 1.17 8.37 16.07
C TYR A 33 1.35 8.91 14.66
N MET A 34 2.43 8.49 14.00
CA MET A 34 2.67 8.88 12.62
C MET A 34 2.58 7.62 11.77
N HIS A 35 1.75 7.68 10.74
CA HIS A 35 1.58 6.58 9.81
C HIS A 35 2.29 6.89 8.51
N TRP A 36 2.59 5.83 7.76
CA TRP A 36 3.09 5.97 6.41
C TRP A 36 2.15 5.23 5.47
N VAL A 37 1.84 5.89 4.35
CA VAL A 37 0.93 5.38 3.33
C VAL A 37 1.58 5.62 1.97
N ARG A 38 1.52 4.63 1.09
CA ARG A 38 2.08 4.81 -0.24
C ARG A 38 1.03 4.59 -1.31
N GLN A 39 1.38 4.98 -2.54
CA GLN A 39 0.44 4.96 -3.66
C GLN A 39 1.22 4.83 -4.96
N ALA A 40 1.16 3.66 -5.59
CA ALA A 40 1.81 3.48 -6.87
C ALA A 40 1.11 4.31 -7.93
N PRO A 41 1.83 4.73 -8.98
CA PRO A 41 1.21 5.62 -9.99
C PRO A 41 -0.07 5.05 -10.55
N GLY A 42 -1.17 5.79 -10.44
CA GLY A 42 -2.45 5.33 -10.94
C GLY A 42 -3.16 4.31 -10.09
N GLN A 43 -2.61 3.94 -8.94
CA GLN A 43 -3.20 2.91 -8.10
C GLN A 43 -3.70 3.51 -6.79
N GLY A 44 -4.15 2.65 -5.89
CA GLY A 44 -4.79 3.09 -4.66
C GLY A 44 -3.81 3.31 -3.52
N LEU A 45 -4.38 3.66 -2.36
CA LEU A 45 -3.60 3.91 -1.16
C LEU A 45 -3.37 2.62 -0.39
N GLU A 46 -2.19 2.51 0.23
CA GLU A 46 -1.81 1.33 0.99
C GLU A 46 -1.09 1.75 2.26
N TRP A 47 -1.62 1.36 3.41
CA TRP A 47 -0.98 1.66 4.68
C TRP A 47 0.26 0.78 4.87
N MET A 48 1.35 1.40 5.32
CA MET A 48 2.58 0.64 5.53
C MET A 48 2.87 0.33 6.99
N GLY A 49 2.38 1.13 7.92
CA GLY A 49 2.67 0.93 9.34
C GLY A 49 2.57 2.24 10.09
N TRP A 50 2.59 2.13 11.42
CA TRP A 50 2.69 3.32 12.26
C TRP A 50 3.91 3.24 13.16
N ILE A 51 4.38 4.42 13.56
CA ILE A 51 5.36 4.57 14.63
C ILE A 51 4.73 5.43 15.73
N ASN A 52 4.96 5.03 16.98
CA ASN A 52 4.61 5.85 18.13
C ASN A 52 5.83 6.68 18.47
N PRO A 53 5.81 8.00 18.24
CA PRO A 53 7.05 8.77 18.42
C PRO A 53 7.45 8.94 19.87
N TYR A 54 6.58 8.61 20.83
CA TYR A 54 7.00 8.65 22.23
C TYR A 54 7.93 7.48 22.56
N SER A 55 7.47 6.25 22.33
CA SER A 55 8.26 5.07 22.66
C SER A 55 9.15 4.60 21.52
N SER A 56 8.95 5.12 20.31
CA SER A 56 9.51 4.57 19.07
C SER A 56 9.05 3.14 18.80
N GLY A 57 7.98 2.69 19.45
CA GLY A 57 7.38 1.43 19.08
C GLY A 57 6.76 1.52 17.69
N THR A 58 6.61 0.37 17.03
CA THR A 58 6.11 0.34 15.66
C THR A 58 5.15 -0.82 15.47
N ASN A 59 4.35 -0.72 14.40
CA ASN A 59 3.48 -1.81 13.96
C ASN A 59 3.47 -1.73 12.43
N TYR A 60 4.21 -2.61 11.77
CA TYR A 60 4.28 -2.60 10.31
C TYR A 60 3.19 -3.46 9.70
N ALA A 61 2.71 -3.04 8.54
CA ALA A 61 1.84 -3.91 7.76
C ALA A 61 2.56 -5.22 7.49
N GLN A 62 1.84 -6.33 7.56
CA GLN A 62 2.47 -7.64 7.49
C GLN A 62 3.26 -7.82 6.20
N ASN A 63 2.76 -7.29 5.08
CA ASN A 63 3.41 -7.49 3.80
C ASN A 63 4.68 -6.67 3.61
N PHE A 64 4.98 -5.75 4.54
CA PHE A 64 6.25 -5.03 4.55
C PHE A 64 7.15 -5.47 5.69
N GLN A 65 6.67 -6.30 6.61
CA GLN A 65 7.47 -6.75 7.73
C GLN A 65 8.74 -7.42 7.22
N GLY A 66 9.89 -6.99 7.75
CA GLY A 66 11.19 -7.45 7.31
C GLY A 66 11.91 -6.54 6.33
N ARG A 67 11.20 -5.58 5.74
CA ARG A 67 11.73 -4.72 4.70
C ARG A 67 11.58 -3.24 5.01
N VAL A 68 10.81 -2.87 6.03
CA VAL A 68 10.56 -1.47 6.33
C VAL A 68 11.07 -1.18 7.74
N THR A 69 11.61 0.02 7.94
CA THR A 69 12.05 0.47 9.24
C THR A 69 11.54 1.89 9.46
N MET A 70 10.79 2.11 10.54
CA MET A 70 10.30 3.44 10.87
C MET A 70 10.99 3.89 12.14
N THR A 71 11.53 5.12 12.11
CA THR A 71 12.30 5.67 13.22
C THR A 71 11.90 7.13 13.38
N ARG A 72 12.45 7.77 14.42
CA ARG A 72 12.21 9.18 14.61
C ARG A 72 13.40 9.81 15.32
N ASP A 73 13.45 11.14 15.28
CA ASP A 73 14.44 11.93 16.01
C ASP A 73 13.68 13.08 16.64
N THR A 74 13.44 12.99 17.95
CA THR A 74 12.65 14.03 18.62
C THR A 74 13.39 15.35 18.69
N SER A 75 14.72 15.34 18.67
CA SER A 75 15.46 16.60 18.72
C SER A 75 15.20 17.49 17.51
N ILE A 76 14.81 16.91 16.38
CA ILE A 76 14.45 17.68 15.20
C ILE A 76 13.02 17.38 14.74
N THR A 77 12.23 16.76 15.62
CA THR A 77 10.83 16.37 15.37
C THR A 77 10.62 15.86 13.94
N THR A 78 11.41 14.84 13.59
CA THR A 78 11.37 14.24 12.26
C THR A 78 11.09 12.76 12.39
N ALA A 79 10.16 12.27 11.58
CA ALA A 79 9.92 10.83 11.44
C ALA A 79 10.51 10.35 10.13
N TYR A 80 10.92 9.08 10.10
CA TYR A 80 11.55 8.50 8.92
C TYR A 80 10.94 7.15 8.58
N MET A 81 10.95 6.84 7.30
CA MET A 81 10.54 5.53 6.80
C MET A 81 11.58 5.05 5.80
N GLU A 82 12.22 3.93 6.12
CA GLU A 82 13.22 3.34 5.24
C GLU A 82 12.65 2.07 4.66
N LEU A 83 12.66 1.98 3.32
CA LEU A 83 12.24 0.77 2.62
C LEU A 83 13.45 0.21 1.88
N SER A 84 13.76 -1.06 2.11
CA SER A 84 14.95 -1.68 1.58
C SER A 84 14.61 -2.62 0.44
N ARG A 85 15.65 -3.03 -0.29
CA ARG A 85 15.52 -4.00 -1.37
C ARG A 85 14.46 -3.58 -2.40
N LEU A 86 14.55 -2.31 -2.81
CA LEU A 86 13.59 -1.72 -3.75
C LEU A 86 13.54 -2.46 -5.08
N ARG A 87 12.34 -2.68 -5.59
CA ARG A 87 12.13 -3.12 -6.96
C ARG A 87 11.35 -2.03 -7.69
N SER A 88 11.27 -2.16 -9.02
CA SER A 88 10.59 -1.11 -9.78
C SER A 88 9.12 -1.02 -9.44
N ASP A 89 8.50 -2.10 -8.95
CA ASP A 89 7.10 -1.98 -8.55
C ASP A 89 6.92 -1.33 -7.19
N ASP A 90 8.01 -0.89 -6.55
CA ASP A 90 7.93 -0.02 -5.37
C ASP A 90 7.88 1.46 -5.75
N THR A 91 7.90 1.76 -7.05
CA THR A 91 7.72 3.11 -7.52
C THR A 91 6.36 3.63 -7.05
N ALA A 92 6.36 4.75 -6.32
CA ALA A 92 5.14 5.21 -5.67
C ALA A 92 5.41 6.56 -5.01
N VAL A 93 4.33 7.26 -4.67
CA VAL A 93 4.42 8.40 -3.76
C VAL A 93 4.22 7.89 -2.33
N TYR A 94 5.14 8.26 -1.44
CA TYR A 94 5.15 7.83 -0.06
C TYR A 94 4.76 9.03 0.82
N TYR A 95 3.77 8.83 1.69
CA TYR A 95 3.23 9.89 2.54
C TYR A 95 3.41 9.55 4.01
N CYS A 96 3.76 10.55 4.81
CA CYS A 96 3.53 10.47 6.25
C CYS A 96 2.20 11.13 6.57
N ALA A 97 1.49 10.59 7.57
CA ALA A 97 0.17 11.08 7.90
C ALA A 97 -0.07 10.94 9.40
N ARG A 98 -0.64 11.99 10.00
CA ARG A 98 -0.73 12.13 11.45
C ARG A 98 -2.04 11.57 11.99
N ALA A 99 -1.95 10.78 13.07
CA ALA A 99 -3.15 10.44 13.82
C ALA A 99 -3.72 11.70 14.49
N PRO A 100 -5.04 11.90 14.42
CA PRO A 100 -5.61 13.17 14.95
C PRO A 100 -5.44 13.35 16.46
N ASP A 101 -5.64 12.32 17.27
CA ASP A 101 -5.54 12.48 18.73
C ASP A 101 -5.39 11.11 19.38
N TYR A 102 -5.56 11.07 20.71
CA TYR A 102 -5.34 9.82 21.46
C TYR A 102 -6.37 8.77 21.09
N GLY A 103 -7.63 9.17 20.85
CA GLY A 103 -8.70 8.21 20.69
C GLY A 103 -8.97 7.83 19.24
N ASP A 104 -8.75 8.79 18.34
CA ASP A 104 -8.88 8.58 16.90
C ASP A 104 -7.47 8.51 16.31
N ARG A 105 -7.04 7.30 15.94
CA ARG A 105 -5.68 7.10 15.46
C ARG A 105 -5.62 6.87 13.95
N TRP A 106 -6.76 6.97 13.24
CA TRP A 106 -6.85 6.54 11.86
C TRP A 106 -7.50 7.54 10.92
N ASP A 107 -8.11 8.62 11.41
CA ASP A 107 -8.68 9.62 10.51
C ASP A 107 -7.62 10.68 10.26
N PHE A 108 -6.64 10.30 9.42
CA PHE A 108 -5.41 11.09 9.29
C PHE A 108 -5.73 12.52 8.91
N ASP A 109 -5.44 13.46 9.81
CA ASP A 109 -5.89 14.82 9.63
C ASP A 109 -4.87 15.73 8.96
N TYR A 110 -3.58 15.48 9.12
CA TYR A 110 -2.56 16.23 8.41
C TYR A 110 -1.65 15.25 7.70
N TRP A 111 -1.27 15.58 6.47
CA TRP A 111 -0.43 14.73 5.64
C TRP A 111 0.78 15.54 5.18
N GLY A 112 1.90 14.85 4.99
CA GLY A 112 2.98 15.44 4.23
C GLY A 112 2.58 15.60 2.77
N GLN A 113 3.40 16.36 2.03
CA GLN A 113 3.09 16.61 0.62
C GLN A 113 3.33 15.39 -0.27
N GLY A 114 3.95 14.35 0.24
CA GLY A 114 4.29 13.18 -0.54
C GLY A 114 5.71 13.23 -1.06
N THR A 115 6.33 12.05 -1.16
CA THR A 115 7.67 11.92 -1.73
C THR A 115 7.60 10.87 -2.84
N LEU A 116 7.79 11.30 -4.08
CA LEU A 116 7.85 10.36 -5.21
C LEU A 116 9.17 9.61 -5.19
N VAL A 117 9.10 8.27 -5.20
CA VAL A 117 10.28 7.41 -5.29
C VAL A 117 10.12 6.59 -6.56
N THR A 118 11.00 6.79 -7.54
CA THR A 118 10.92 6.05 -8.80
C THR A 118 12.14 5.13 -8.90
N VAL A 119 11.90 3.88 -9.27
CA VAL A 119 12.96 2.86 -9.31
C VAL A 119 13.11 2.41 -10.75
N PHE A 120 14.25 2.73 -11.36
CA PHE A 120 14.52 2.50 -12.78
C PHE A 120 15.64 1.48 -12.96
N ASN A 121 15.60 0.78 -14.09
CA ASN A 121 16.68 -0.12 -14.46
C ASN A 121 17.81 0.69 -15.11
N GLN A 122 18.80 -0.03 -15.64
CA GLN A 122 19.96 0.56 -16.29
C GLN A 122 19.58 1.11 -17.66
N ILE A 123 20.37 2.08 -18.13
CA ILE A 123 20.18 2.61 -19.48
C ILE A 123 20.20 1.47 -20.49
N LYS A 124 19.24 1.49 -21.41
CA LYS A 124 19.10 0.42 -22.38
C LYS A 124 18.35 0.95 -23.60
N GLY A 125 18.82 0.59 -24.79
CA GLY A 125 18.11 0.95 -26.00
C GLY A 125 16.95 0.02 -26.29
N PRO A 126 15.94 0.51 -27.01
CA PRO A 126 14.76 -0.32 -27.26
C PRO A 126 14.98 -1.43 -28.27
N SER A 127 14.20 -2.48 -28.11
CA SER A 127 13.91 -3.43 -29.17
C SER A 127 12.61 -3.01 -29.85
N VAL A 128 12.59 -3.09 -31.17
CA VAL A 128 11.46 -2.60 -31.95
C VAL A 128 10.86 -3.77 -32.74
N PHE A 129 9.55 -3.92 -32.64
CA PHE A 129 8.81 -5.00 -33.29
C PHE A 129 7.61 -4.46 -34.05
N PRO A 130 7.26 -5.05 -35.18
CA PRO A 130 6.09 -4.58 -35.93
C PRO A 130 4.77 -5.05 -35.32
N LEU A 131 3.78 -4.19 -35.42
CA LEU A 131 2.40 -4.50 -35.02
C LEU A 131 1.61 -4.57 -36.32
N ALA A 132 1.45 -5.78 -36.86
CA ALA A 132 0.91 -5.97 -38.19
C ALA A 132 -0.59 -5.72 -38.21
N PRO A 133 -1.12 -5.10 -39.28
CA PRO A 133 -2.56 -4.90 -39.42
C PRO A 133 -3.25 -6.16 -39.95
N ALA A 143 -7.77 0.12 -41.10
CA ALA A 143 -6.72 -0.74 -40.56
C ALA A 143 -5.76 0.04 -39.66
N ALA A 144 -5.18 -0.67 -38.69
CA ALA A 144 -4.21 -0.09 -37.77
C ALA A 144 -2.98 -0.97 -37.75
N LEU A 145 -1.80 -0.35 -37.89
CA LEU A 145 -0.53 -1.04 -37.75
C LEU A 145 0.38 -0.15 -36.92
N GLY A 146 1.47 -0.72 -36.43
CA GLY A 146 2.32 0.10 -35.61
C GLY A 146 3.67 -0.53 -35.35
N CYS A 147 4.40 0.10 -34.43
CA CYS A 147 5.66 -0.42 -33.92
C CYS A 147 5.62 -0.45 -32.41
N LEU A 148 6.03 -1.58 -31.84
CA LEU A 148 6.24 -1.71 -30.40
C LEU A 148 7.68 -1.35 -30.08
N VAL A 149 7.86 -0.33 -29.24
CA VAL A 149 9.18 0.16 -28.85
C VAL A 149 9.37 -0.29 -27.40
N LYS A 150 10.16 -1.34 -27.19
CA LYS A 150 10.07 -2.17 -26.01
C LYS A 150 11.34 -2.12 -25.17
N ASP A 151 11.17 -1.92 -23.85
CA ASP A 151 12.24 -2.10 -22.86
C ASP A 151 13.42 -1.16 -23.07
N TYR A 152 13.15 0.13 -22.86
CA TYR A 152 14.18 1.15 -22.96
C TYR A 152 14.19 2.04 -21.72
N PHE A 153 15.34 2.69 -21.49
CA PHE A 153 15.53 3.68 -20.44
C PHE A 153 16.73 4.51 -20.81
N PRO A 154 16.70 5.84 -20.63
CA PRO A 154 15.59 6.66 -20.12
C PRO A 154 14.66 7.21 -21.22
N GLU A 155 13.64 7.96 -20.85
CA GLU A 155 12.92 8.75 -21.83
C GLU A 155 13.85 9.85 -22.38
N PRO A 156 13.59 10.34 -23.59
CA PRO A 156 12.54 9.94 -24.53
C PRO A 156 13.04 9.07 -25.68
N VAL A 157 12.12 8.59 -26.48
CA VAL A 157 12.43 8.08 -27.81
C VAL A 157 11.67 8.94 -28.81
N THR A 158 12.18 9.02 -30.03
CA THR A 158 11.48 9.64 -31.13
C THR A 158 11.10 8.57 -32.14
N VAL A 159 9.83 8.57 -32.56
CA VAL A 159 9.33 7.66 -33.57
C VAL A 159 8.81 8.49 -34.73
N SER A 160 9.36 8.27 -35.91
CA SER A 160 8.82 8.81 -37.14
C SER A 160 8.44 7.65 -38.06
N TRP A 161 7.72 7.96 -39.14
CA TRP A 161 7.29 6.95 -40.09
C TRP A 161 7.72 7.37 -41.48
N ASN A 162 8.34 6.45 -42.20
CA ASN A 162 8.79 6.67 -43.58
C ASN A 162 9.70 7.88 -43.67
N SER A 163 10.58 8.02 -42.68
CA SER A 163 11.58 9.10 -42.63
C SER A 163 10.93 10.48 -42.59
N GLY A 164 9.72 10.55 -42.06
CA GLY A 164 9.00 11.80 -41.95
C GLY A 164 7.99 12.03 -43.07
N ALA A 165 8.02 11.22 -44.12
CA ALA A 165 7.03 11.35 -45.19
C ALA A 165 5.62 11.09 -44.68
N LEU A 166 5.48 10.28 -43.65
CA LEU A 166 4.20 9.95 -43.04
C LEU A 166 4.10 10.69 -41.70
N THR A 167 3.18 11.66 -41.63
CA THR A 167 3.00 12.39 -40.38
C THR A 167 1.56 12.36 -39.88
N SER A 168 0.57 12.45 -40.76
CA SER A 168 -0.82 12.46 -40.36
C SER A 168 -1.34 11.03 -40.22
N GLY A 169 -2.20 10.83 -39.23
CA GLY A 169 -2.68 9.51 -38.88
C GLY A 169 -1.89 8.79 -37.81
N VAL A 170 -0.77 9.37 -37.36
CA VAL A 170 0.12 8.73 -36.40
C VAL A 170 -0.31 9.13 -34.99
N HIS A 171 -0.59 8.12 -34.15
CA HIS A 171 -0.80 8.32 -32.73
C HIS A 171 0.27 7.54 -32.00
N THR A 172 1.16 8.27 -31.31
CA THR A 172 2.19 7.65 -30.49
C THR A 172 1.74 7.71 -29.04
N PHE A 173 1.49 6.55 -28.46
CA PHE A 173 0.96 6.47 -27.11
C PHE A 173 2.04 6.75 -26.07
N PRO A 174 1.68 7.42 -24.98
CA PRO A 174 2.65 7.64 -23.89
C PRO A 174 3.18 6.31 -23.36
N ALA A 175 4.45 6.30 -22.97
CA ALA A 175 5.09 5.08 -22.53
C ALA A 175 4.54 4.62 -21.19
N VAL A 176 4.66 3.32 -20.94
CA VAL A 176 4.37 2.74 -19.64
C VAL A 176 5.69 2.44 -18.95
N LEU A 177 5.76 2.73 -17.65
CA LEU A 177 6.90 2.29 -16.86
C LEU A 177 6.57 0.90 -16.33
N GLN A 178 7.33 -0.10 -16.75
CA GLN A 178 7.03 -1.47 -16.40
C GLN A 178 7.67 -1.86 -15.07
N SER A 179 7.26 -3.01 -14.56
CA SER A 179 7.81 -3.53 -13.31
C SER A 179 9.27 -3.92 -13.45
N SER A 180 9.79 -3.98 -14.68
CA SER A 180 11.21 -4.20 -14.94
C SER A 180 12.04 -2.94 -14.75
N GLY A 181 11.42 -1.79 -14.47
CA GLY A 181 12.14 -0.54 -14.46
C GLY A 181 12.46 0.00 -15.84
N LEU A 182 11.82 -0.51 -16.88
CA LEU A 182 12.02 -0.05 -18.25
C LEU A 182 10.70 0.43 -18.84
N TYR A 183 10.81 1.31 -19.84
CA TYR A 183 9.60 1.89 -20.49
C TYR A 183 9.22 1.09 -21.73
N SER A 184 8.02 1.34 -22.26
CA SER A 184 7.54 0.65 -23.49
C SER A 184 6.35 1.42 -24.08
N LEU A 185 6.46 1.89 -25.33
CA LEU A 185 5.29 2.53 -25.97
C LEU A 185 4.99 1.88 -27.32
N SER A 186 3.88 2.28 -27.95
CA SER A 186 3.49 1.71 -29.27
C SER A 186 2.98 2.83 -30.20
N SER A 187 3.75 3.16 -31.23
CA SER A 187 3.32 4.18 -32.22
C SER A 187 2.52 3.50 -33.34
N VAL A 188 1.27 3.91 -33.56
CA VAL A 188 0.42 3.26 -34.56
C VAL A 188 -0.09 4.31 -35.53
N VAL A 189 -0.37 3.86 -36.75
CA VAL A 189 -0.90 4.71 -37.81
C VAL A 189 -2.23 4.12 -38.26
N THR A 190 -3.19 4.99 -38.55
CA THR A 190 -4.48 4.58 -39.10
C THR A 190 -4.46 4.71 -40.62
N VAL A 191 -4.84 3.65 -41.31
CA VAL A 191 -4.76 3.59 -42.77
C VAL A 191 -6.08 3.05 -43.30
N PRO A 192 -6.39 3.32 -44.58
CA PRO A 192 -7.69 2.87 -45.14
C PRO A 192 -7.73 1.38 -45.45
N SER A 193 -6.64 0.83 -45.97
CA SER A 193 -6.59 -0.55 -46.46
C SER A 193 -7.64 -0.80 -47.53
N SER A 195 -5.05 -0.80 -49.46
CA SER A 195 -4.01 0.21 -49.38
C SER A 195 -2.76 -0.34 -48.72
N LEU A 196 -2.92 -1.48 -48.04
CA LEU A 196 -1.79 -2.11 -47.35
C LEU A 196 -0.84 -2.77 -48.32
N GLY A 197 -1.35 -3.32 -49.43
CA GLY A 197 -0.48 -4.02 -50.36
C GLY A 197 0.43 -3.11 -51.14
N THR A 198 0.04 -1.85 -51.32
CA THR A 198 0.82 -0.91 -52.11
C THR A 198 1.76 -0.07 -51.25
N GLN A 199 1.22 0.65 -50.28
CA GLN A 199 2.04 1.55 -49.46
C GLN A 199 2.91 0.75 -48.50
N THR A 200 4.19 1.10 -48.46
CA THR A 200 5.15 0.49 -47.55
C THR A 200 5.28 1.35 -46.30
N TYR A 201 5.29 0.71 -45.14
CA TYR A 201 5.28 1.41 -43.85
C TYR A 201 6.51 1.00 -43.06
N ILE A 202 7.32 1.98 -42.67
CA ILE A 202 8.52 1.76 -41.88
C ILE A 202 8.56 2.76 -40.74
N CYS A 203 8.75 2.28 -39.52
CA CYS A 203 8.91 3.16 -38.37
C CYS A 203 10.40 3.35 -38.10
N ASN A 204 10.77 4.60 -37.80
CA ASN A 204 12.16 4.98 -37.54
C ASN A 204 12.24 5.37 -36.06
N VAL A 205 12.97 4.59 -35.28
CA VAL A 205 13.05 4.78 -33.83
C VAL A 205 14.46 5.23 -33.49
N ASN A 206 14.57 6.35 -32.78
CA ASN A 206 15.85 6.88 -32.33
C ASN A 206 15.81 7.04 -30.82
N HIS A 207 16.75 6.40 -30.13
CA HIS A 207 16.94 6.54 -28.70
C HIS A 207 18.34 7.11 -28.50
N LYS A 208 18.42 8.44 -28.47
CA LYS A 208 19.72 9.10 -28.35
C LYS A 208 20.50 8.73 -27.10
N PRO A 209 19.90 8.61 -25.89
CA PRO A 209 20.70 8.29 -24.71
C PRO A 209 21.54 7.03 -24.86
N SER A 210 21.13 6.11 -25.74
CA SER A 210 21.89 4.90 -26.00
C SER A 210 22.43 4.83 -27.42
N ASN A 211 22.26 5.89 -28.21
CA ASN A 211 22.64 5.91 -29.62
C ASN A 211 22.09 4.69 -30.35
N THR A 212 20.82 4.40 -30.11
CA THR A 212 20.11 3.35 -30.82
C THR A 212 19.27 3.99 -31.91
N LYS A 213 19.45 3.54 -33.14
CA LYS A 213 18.59 3.92 -34.24
C LYS A 213 18.21 2.67 -35.02
N VAL A 214 16.92 2.49 -35.25
CA VAL A 214 16.40 1.26 -35.85
C VAL A 214 15.24 1.61 -36.77
N ASP A 215 15.23 1.02 -37.96
CA ASP A 215 14.10 1.09 -38.87
C ASP A 215 13.45 -0.29 -38.93
N LYS A 216 12.11 -0.29 -38.95
CA LYS A 216 11.37 -1.57 -38.97
C LYS A 216 10.22 -1.49 -39.97
N LYS A 217 10.21 -2.37 -40.96
CA LYS A 217 9.08 -2.42 -41.93
C LYS A 217 7.89 -3.14 -41.29
N VAL A 218 6.71 -2.57 -41.43
CA VAL A 218 5.48 -3.15 -40.84
C VAL A 218 4.63 -3.66 -42.00
N GLU A 219 4.59 -4.98 -42.17
CA GLU A 219 3.84 -5.56 -43.30
C GLU A 219 2.91 -6.67 -42.77
N PRO A 220 1.64 -6.72 -43.20
CA PRO A 220 0.72 -7.83 -42.84
C PRO A 220 1.34 -9.18 -43.20
N ALA B 3 -9.78 -5.00 1.19
CA ALA B 3 -11.00 -5.72 1.52
C ALA B 3 -12.22 -4.81 1.50
N LEU B 4 -12.03 -3.56 1.10
CA LEU B 4 -13.12 -2.63 0.87
C LEU B 4 -13.19 -2.34 -0.63
N THR B 5 -14.31 -2.70 -1.26
CA THR B 5 -14.46 -2.58 -2.69
C THR B 5 -15.27 -1.33 -3.03
N GLN B 6 -14.80 -0.55 -4.00
CA GLN B 6 -15.50 0.61 -4.52
C GLN B 6 -15.68 0.48 -6.04
N PRO B 7 -16.69 1.13 -6.61
CA PRO B 7 -16.76 1.20 -8.08
C PRO B 7 -15.53 1.92 -8.62
N PRO B 8 -14.99 1.48 -9.77
CA PRO B 8 -13.78 2.13 -10.29
C PRO B 8 -13.95 3.60 -10.59
N SER B 9 -15.13 4.03 -11.00
CA SER B 9 -15.30 5.42 -11.42
C SER B 9 -16.75 5.84 -11.23
N ALA B 10 -16.96 7.16 -11.24
CA ALA B 10 -18.29 7.76 -11.20
C ALA B 10 -18.19 9.16 -11.79
N SER B 11 -19.30 9.67 -12.33
CA SER B 11 -19.23 10.98 -12.95
C SER B 11 -20.58 11.67 -12.89
N GLY B 12 -20.54 13.01 -12.90
CA GLY B 12 -21.75 13.81 -12.99
C GLY B 12 -21.39 15.21 -13.44
N SER B 13 -22.40 15.90 -13.98
CA SER B 13 -22.25 17.28 -14.40
C SER B 13 -22.30 18.22 -13.21
N PRO B 14 -21.81 19.46 -13.36
CA PRO B 14 -21.96 20.44 -12.28
C PRO B 14 -23.41 20.56 -11.83
N GLY B 15 -23.61 20.52 -10.52
CA GLY B 15 -24.94 20.57 -9.95
C GLY B 15 -25.60 19.23 -9.71
N GLN B 16 -25.09 18.15 -10.30
CA GLN B 16 -25.60 16.81 -10.03
C GLN B 16 -24.89 16.24 -8.79
N SER B 17 -25.06 14.94 -8.55
CA SER B 17 -24.36 14.31 -7.43
C SER B 17 -23.79 12.98 -7.90
N VAL B 18 -22.79 12.48 -7.17
CA VAL B 18 -22.30 11.11 -7.30
C VAL B 18 -22.43 10.42 -5.95
N THR B 19 -22.79 9.13 -5.98
CA THR B 19 -22.87 8.30 -4.78
C THR B 19 -21.96 7.11 -4.98
N ILE B 20 -21.02 6.93 -4.06
CA ILE B 20 -19.93 5.97 -4.19
C ILE B 20 -20.06 4.95 -3.06
N SER B 21 -20.20 3.68 -3.41
CA SER B 21 -20.32 2.62 -2.43
C SER B 21 -18.96 2.09 -1.98
N CYS B 22 -18.95 1.46 -0.81
CA CYS B 22 -17.75 0.90 -0.18
C CYS B 22 -18.20 -0.35 0.55
N THR B 23 -17.94 -1.52 -0.02
CA THR B 23 -18.44 -2.79 0.51
C THR B 23 -17.33 -3.59 1.15
N GLY B 24 -17.59 -4.12 2.35
CA GLY B 24 -16.65 -4.98 3.04
C GLY B 24 -17.03 -6.43 2.94
N ASN B 33 -18.26 -1.87 11.94
CA ASN B 33 -17.30 -0.85 12.35
C ASN B 33 -17.51 0.46 11.60
N TYR B 34 -16.69 1.45 11.91
CA TYR B 34 -16.79 2.75 11.27
C TYR B 34 -16.18 2.72 9.88
N VAL B 35 -16.52 3.74 9.09
CA VAL B 35 -15.90 4.00 7.80
C VAL B 35 -15.66 5.50 7.70
N SER B 36 -14.54 5.89 7.09
CA SER B 36 -14.23 7.28 6.77
C SER B 36 -13.94 7.40 5.28
N TRP B 37 -13.92 8.64 4.80
CA TRP B 37 -13.75 8.93 3.38
C TRP B 37 -12.69 10.02 3.19
N TYR B 38 -11.87 9.84 2.18
CA TYR B 38 -10.84 10.78 1.77
C TYR B 38 -11.09 11.25 0.33
N GLN B 39 -10.77 12.51 0.09
CA GLN B 39 -10.71 13.10 -1.24
C GLN B 39 -9.26 13.38 -1.61
N GLN B 40 -8.88 13.06 -2.84
CA GLN B 40 -7.50 13.28 -3.29
C GLN B 40 -7.51 13.94 -4.66
N HIS B 41 -7.10 15.20 -4.72
CA HIS B 41 -6.90 15.90 -5.98
C HIS B 41 -5.61 15.44 -6.64
N PRO B 42 -5.48 15.64 -7.96
CA PRO B 42 -4.23 15.26 -8.64
C PRO B 42 -3.03 15.97 -8.04
N GLY B 43 -1.97 15.19 -7.78
CA GLY B 43 -0.72 15.73 -7.27
C GLY B 43 -0.71 16.09 -5.81
N LYS B 44 -1.78 15.80 -5.07
CA LYS B 44 -1.93 16.26 -3.69
C LYS B 44 -2.12 15.07 -2.77
N ALA B 45 -1.88 15.31 -1.48
CA ALA B 45 -2.19 14.31 -0.47
C ALA B 45 -3.71 14.17 -0.32
N PRO B 46 -4.18 12.99 0.07
CA PRO B 46 -5.59 12.84 0.42
C PRO B 46 -5.96 13.71 1.61
N LYS B 47 -7.27 14.00 1.72
CA LYS B 47 -7.83 14.80 2.81
C LYS B 47 -9.11 14.15 3.30
N VAL B 48 -9.28 14.03 4.63
CA VAL B 48 -10.51 13.49 5.19
C VAL B 48 -11.66 14.44 4.89
N ILE B 49 -12.76 13.90 4.36
CA ILE B 49 -13.97 14.68 4.18
C ILE B 49 -15.16 14.11 4.93
N ILE B 50 -15.15 12.85 5.33
CA ILE B 50 -16.17 12.24 6.19
C ILE B 50 -15.44 11.34 7.17
N TYR B 51 -15.84 11.37 8.44
CA TYR B 51 -15.35 10.42 9.42
C TYR B 51 -16.53 9.89 10.23
N GLU B 52 -16.33 8.73 10.86
CA GLU B 52 -17.38 8.08 11.66
C GLU B 52 -18.68 7.97 10.88
N VAL B 53 -18.56 7.46 9.65
CA VAL B 53 -19.65 7.15 8.71
C VAL B 53 -20.27 8.39 8.09
N SER B 54 -20.63 9.37 8.91
CA SER B 54 -21.47 10.46 8.43
C SER B 54 -21.06 11.85 8.92
N LYS B 55 -20.01 11.97 9.71
CA LYS B 55 -19.67 13.27 10.29
C LYS B 55 -18.72 14.03 9.37
N ARG B 56 -18.92 15.34 9.30
CA ARG B 56 -18.09 16.21 8.46
C ARG B 56 -17.05 16.91 9.31
N PRO B 57 -15.77 16.85 8.94
CA PRO B 57 -14.77 17.68 9.60
C PRO B 57 -15.05 19.16 9.40
N SER B 58 -14.51 19.96 10.32
CA SER B 58 -14.68 21.40 10.23
C SER B 58 -14.22 21.91 8.86
N GLY B 59 -15.06 22.74 8.25
CA GLY B 59 -14.74 23.32 6.95
C GLY B 59 -15.22 22.54 5.75
N VAL B 60 -15.66 21.29 5.94
CA VAL B 60 -16.21 20.52 4.82
C VAL B 60 -17.68 20.90 4.63
N PRO B 61 -18.09 21.33 3.44
CA PRO B 61 -19.48 21.79 3.26
C PRO B 61 -20.49 20.66 3.40
N ASP B 62 -21.72 21.04 3.76
CA ASP B 62 -22.73 20.02 4.05
C ASP B 62 -23.26 19.32 2.79
N ARG B 63 -22.82 19.68 1.59
CA ARG B 63 -23.16 18.88 0.42
C ARG B 63 -22.39 17.56 0.36
N PHE B 64 -21.41 17.33 1.24
CA PHE B 64 -20.82 16.01 1.40
C PHE B 64 -21.55 15.26 2.51
N SER B 65 -21.97 14.03 2.24
CA SER B 65 -22.68 13.23 3.24
C SER B 65 -22.28 11.76 3.16
N GLY B 66 -22.55 11.04 4.24
CA GLY B 66 -22.19 9.63 4.30
C GLY B 66 -23.18 8.82 5.09
N SER B 67 -23.29 7.55 4.74
CA SER B 67 -24.15 6.65 5.48
C SER B 67 -23.60 5.24 5.37
N LYS B 68 -24.19 4.32 6.13
CA LYS B 68 -23.79 2.93 6.07
C LYS B 68 -24.98 2.06 6.44
N SER B 69 -25.16 0.98 5.68
CA SER B 69 -26.23 0.01 5.92
C SER B 69 -25.65 -1.38 5.74
N GLY B 70 -25.68 -2.19 6.79
CA GLY B 70 -25.10 -3.51 6.69
C GLY B 70 -23.62 -3.46 6.35
N ASN B 71 -23.24 -4.18 5.31
CA ASN B 71 -21.85 -4.30 4.89
C ASN B 71 -21.42 -3.19 3.93
N THR B 72 -22.25 -2.17 3.71
CA THR B 72 -21.97 -1.21 2.65
C THR B 72 -22.11 0.21 3.16
N ALA B 73 -21.07 1.01 2.99
CA ALA B 73 -21.09 2.43 3.26
C ALA B 73 -21.14 3.18 1.93
N SER B 74 -21.63 4.42 1.96
CA SER B 74 -21.63 5.19 0.73
C SER B 74 -21.40 6.67 1.02
N LEU B 75 -20.59 7.29 0.19
CA LEU B 75 -20.35 8.73 0.21
C LEU B 75 -21.13 9.37 -0.93
N THR B 76 -21.78 10.50 -0.65
CA THR B 76 -22.42 11.28 -1.69
C THR B 76 -21.85 12.68 -1.71
N VAL B 77 -21.41 13.12 -2.88
CA VAL B 77 -21.02 14.50 -3.11
C VAL B 77 -22.16 15.13 -3.91
N SER B 78 -22.90 16.02 -3.27
CA SER B 78 -24.03 16.68 -3.92
C SER B 78 -23.63 18.06 -4.41
N GLY B 79 -24.42 18.60 -5.34
CA GLY B 79 -24.14 19.91 -5.88
C GLY B 79 -22.75 20.00 -6.47
N LEU B 80 -22.46 19.09 -7.40
CA LEU B 80 -21.08 18.90 -7.86
C LEU B 80 -20.47 20.20 -8.37
N GLN B 81 -19.22 20.43 -7.97
CA GLN B 81 -18.42 21.54 -8.47
C GLN B 81 -17.16 20.99 -9.12
N ALA B 82 -16.51 21.81 -9.94
CA ALA B 82 -15.37 21.32 -10.72
C ALA B 82 -14.28 20.76 -9.81
N ASP B 83 -14.07 21.38 -8.65
CA ASP B 83 -13.02 20.93 -7.73
C ASP B 83 -13.36 19.61 -7.03
N ASP B 84 -14.58 19.10 -7.19
CA ASP B 84 -14.88 17.76 -6.71
C ASP B 84 -14.27 16.67 -7.56
N GLU B 85 -13.77 16.99 -8.76
CA GLU B 85 -13.09 16.00 -9.57
C GLU B 85 -11.81 15.58 -8.86
N ALA B 86 -11.74 14.29 -8.50
CA ALA B 86 -10.74 13.80 -7.57
C ALA B 86 -10.91 12.29 -7.48
N ASP B 87 -9.97 11.64 -6.81
CA ASP B 87 -10.12 10.24 -6.43
C ASP B 87 -10.60 10.19 -5.00
N TYR B 88 -11.51 9.26 -4.72
CA TYR B 88 -12.15 9.13 -3.42
C TYR B 88 -11.88 7.74 -2.86
N TYR B 89 -11.48 7.68 -1.59
CA TYR B 89 -11.16 6.42 -0.93
C TYR B 89 -11.96 6.30 0.36
N CYS B 90 -12.63 5.16 0.55
CA CYS B 90 -13.12 4.88 1.89
C CYS B 90 -12.01 4.22 2.70
N SER B 91 -12.25 4.10 4.00
CA SER B 91 -11.24 3.48 4.84
C SER B 91 -11.86 3.00 6.13
N SER B 92 -11.24 1.99 6.71
CA SER B 92 -11.65 1.47 8.01
C SER B 92 -10.38 0.96 8.68
N TYR B 93 -9.91 1.65 9.71
CA TYR B 93 -8.61 1.42 10.36
C TYR B 93 -7.55 1.46 9.26
N GLU B 94 -6.70 0.43 9.13
CA GLU B 94 -5.61 0.50 8.16
C GLU B 94 -6.05 0.17 6.74
N VAL B 95 -7.28 -0.31 6.54
CA VAL B 95 -7.74 -0.79 5.24
C VAL B 95 -8.28 0.38 4.43
N PHE B 96 -7.77 0.54 3.21
CA PHE B 96 -8.30 1.50 2.24
C PHE B 96 -9.14 0.78 1.21
N GLY B 97 -10.24 1.42 0.79
CA GLY B 97 -10.96 0.93 -0.35
C GLY B 97 -10.15 1.08 -1.63
N THR B 98 -10.61 0.38 -2.67
CA THR B 98 -9.87 0.34 -3.93
C THR B 98 -9.91 1.67 -4.68
N GLY B 99 -10.79 2.59 -4.30
CA GLY B 99 -10.74 3.93 -4.86
C GLY B 99 -11.71 4.13 -6.00
N THR B 100 -12.23 5.36 -6.12
CA THR B 100 -13.14 5.73 -7.19
C THR B 100 -12.67 7.03 -7.82
N LYS B 101 -12.44 7.02 -9.13
CA LYS B 101 -12.08 8.22 -9.88
C LYS B 101 -13.36 8.94 -10.29
N VAL B 102 -13.57 10.15 -9.75
CA VAL B 102 -14.77 10.94 -10.00
C VAL B 102 -14.44 12.04 -11.01
N THR B 103 -15.20 12.08 -12.10
CA THR B 103 -15.08 13.12 -13.11
C THR B 103 -16.28 14.04 -13.03
N VAL B 104 -16.05 15.34 -13.02
CA VAL B 104 -17.12 16.32 -13.18
C VAL B 104 -17.18 16.64 -14.67
N LEU B 105 -18.26 16.22 -15.32
CA LEU B 105 -18.31 16.15 -16.78
C LEU B 105 -18.12 17.53 -17.40
N GLY B 106 -17.17 17.62 -18.34
CA GLY B 106 -16.87 18.88 -19.01
C GLY B 106 -17.00 18.79 -20.52
N GLN B 107 -17.43 17.65 -21.03
CA GLN B 107 -17.58 17.45 -22.45
C GLN B 107 -18.48 16.23 -22.66
N PRO B 108 -18.92 15.97 -23.89
CA PRO B 108 -19.73 14.76 -24.12
C PRO B 108 -18.96 13.49 -23.75
N LYS B 109 -19.69 12.52 -23.19
CA LYS B 109 -19.11 11.21 -22.98
C LYS B 109 -18.76 10.56 -24.32
N ALA B 110 -17.77 9.67 -24.29
CA ALA B 110 -17.34 8.95 -25.49
C ALA B 110 -16.87 7.56 -25.10
N ALA B 111 -17.31 6.55 -25.86
CA ALA B 111 -16.96 5.16 -25.60
C ALA B 111 -15.55 4.83 -26.12
N PRO B 112 -14.82 3.97 -25.42
CA PRO B 112 -13.46 3.64 -25.85
C PRO B 112 -13.43 2.80 -27.12
N SER B 113 -12.44 3.09 -27.96
CA SER B 113 -12.07 2.24 -29.09
C SER B 113 -10.88 1.39 -28.68
N VAL B 114 -10.93 0.09 -28.97
CA VAL B 114 -9.95 -0.87 -28.46
C VAL B 114 -9.33 -1.64 -29.61
N THR B 115 -8.01 -1.68 -29.65
CA THR B 115 -7.27 -2.47 -30.64
C THR B 115 -6.27 -3.35 -29.92
N LEU B 116 -6.29 -4.64 -30.22
CA LEU B 116 -5.47 -5.63 -29.54
C LEU B 116 -4.56 -6.33 -30.55
N PHE B 117 -3.24 -6.23 -30.34
CA PHE B 117 -2.24 -6.85 -31.21
C PHE B 117 -1.65 -8.08 -30.53
N PRO B 118 -1.48 -9.17 -31.27
CA PRO B 118 -0.79 -10.33 -30.73
C PRO B 118 0.72 -10.14 -30.81
N PRO B 119 1.52 -11.06 -30.26
CA PRO B 119 2.98 -10.92 -30.42
C PRO B 119 3.38 -11.09 -31.87
N SER B 120 4.48 -10.45 -32.24
CA SER B 120 5.01 -10.56 -33.59
C SER B 120 5.93 -11.78 -33.69
N SER B 121 6.09 -12.27 -34.92
CA SER B 121 7.00 -13.37 -35.16
C SER B 121 8.41 -13.03 -34.69
N GLU B 122 8.85 -11.80 -34.97
CA GLU B 122 10.18 -11.36 -34.58
C GLU B 122 10.36 -11.40 -33.07
N GLU B 123 9.36 -10.95 -32.31
CA GLU B 123 9.49 -10.99 -30.86
C GLU B 123 9.54 -12.44 -30.36
N LEU B 124 8.70 -13.31 -30.94
CA LEU B 124 8.72 -14.71 -30.55
C LEU B 124 10.08 -15.35 -30.86
N GLN B 125 10.71 -14.95 -31.98
CA GLN B 125 12.05 -15.44 -32.31
C GLN B 125 13.08 -15.02 -31.27
N ALA B 126 12.90 -13.84 -30.66
CA ALA B 126 13.73 -13.42 -29.54
C ALA B 126 13.31 -14.06 -28.24
N ASN B 127 12.46 -15.10 -28.30
CA ASN B 127 11.98 -15.84 -27.14
C ASN B 127 11.21 -14.95 -26.16
N LYS B 128 10.48 -13.97 -26.69
CA LYS B 128 9.64 -13.10 -25.89
C LYS B 128 8.25 -13.01 -26.54
N ALA B 129 7.30 -12.47 -25.78
CA ALA B 129 5.97 -12.25 -26.31
C ALA B 129 5.30 -11.12 -25.53
N THR B 130 4.65 -10.22 -26.25
CA THR B 130 3.96 -9.08 -25.66
C THR B 130 2.64 -8.91 -26.40
N LEU B 131 1.54 -8.83 -25.65
CA LEU B 131 0.24 -8.45 -26.18
C LEU B 131 0.04 -6.96 -25.91
N VAL B 132 -0.46 -6.24 -26.90
CA VAL B 132 -0.60 -4.78 -26.82
C VAL B 132 -2.06 -4.39 -27.01
N CYS B 133 -2.65 -3.80 -25.99
CA CYS B 133 -4.04 -3.36 -26.03
C CYS B 133 -4.06 -1.83 -25.98
N LEU B 134 -4.49 -1.22 -27.08
CA LEU B 134 -4.51 0.24 -27.22
C LEU B 134 -5.95 0.73 -27.13
N ILE B 135 -6.17 1.75 -26.31
CA ILE B 135 -7.50 2.25 -25.96
C ILE B 135 -7.52 3.75 -26.19
N SER B 136 -8.49 4.24 -26.96
CA SER B 136 -8.46 5.66 -27.30
C SER B 136 -9.86 6.22 -27.39
N ASP B 137 -9.94 7.55 -27.41
CA ASP B 137 -11.16 8.30 -27.69
C ASP B 137 -12.26 8.06 -26.67
N PHE B 138 -11.91 8.03 -25.38
CA PHE B 138 -12.93 7.84 -24.35
C PHE B 138 -13.01 9.02 -23.39
N TYR B 139 -14.21 9.24 -22.85
CA TYR B 139 -14.49 10.27 -21.86
C TYR B 139 -15.69 9.83 -21.04
N PRO B 140 -15.64 9.86 -19.70
CA PRO B 140 -14.56 10.34 -18.82
C PRO B 140 -13.28 9.54 -18.94
N GLY B 141 -12.15 10.10 -18.50
CA GLY B 141 -10.85 9.47 -18.65
C GLY B 141 -10.52 8.44 -17.59
N ALA B 142 -11.39 7.45 -17.43
CA ALA B 142 -11.19 6.35 -16.50
C ALA B 142 -11.68 5.07 -17.14
N VAL B 143 -10.81 4.07 -17.22
CA VAL B 143 -11.19 2.75 -17.72
C VAL B 143 -10.57 1.70 -16.82
N THR B 144 -11.21 0.54 -16.78
CA THR B 144 -10.67 -0.63 -16.08
C THR B 144 -10.23 -1.63 -17.14
N VAL B 145 -8.97 -2.05 -17.09
CA VAL B 145 -8.44 -3.01 -18.05
C VAL B 145 -8.22 -4.32 -17.33
N ALA B 146 -8.85 -5.39 -17.84
CA ALA B 146 -8.72 -6.73 -17.27
C ALA B 146 -8.28 -7.67 -18.37
N TRP B 147 -7.20 -8.41 -18.12
CA TRP B 147 -6.71 -9.40 -19.06
C TRP B 147 -7.18 -10.79 -18.66
N LYS B 148 -7.45 -11.60 -19.69
CA LYS B 148 -7.93 -12.98 -19.48
C LYS B 148 -7.12 -13.97 -20.32
N ALA B 149 -6.70 -15.08 -19.70
CA ALA B 149 -6.08 -16.19 -20.43
C ALA B 149 -7.13 -17.29 -20.47
N ASP B 150 -7.74 -17.49 -21.64
CA ASP B 150 -8.85 -18.48 -21.72
C ASP B 150 -9.86 -18.23 -20.59
N SER B 151 -10.50 -17.07 -20.57
CA SER B 151 -11.60 -16.83 -19.59
C SER B 151 -11.11 -16.75 -18.12
N SER B 152 -9.83 -16.96 -17.84
CA SER B 152 -9.35 -16.83 -16.45
C SER B 152 -8.55 -15.52 -16.29
N PRO B 153 -8.71 -14.78 -15.16
CA PRO B 153 -7.95 -13.54 -15.00
C PRO B 153 -6.47 -13.78 -14.81
N VAL B 154 -5.66 -12.95 -15.49
CA VAL B 154 -4.22 -12.96 -15.32
C VAL B 154 -3.79 -11.58 -14.84
N LYS B 155 -3.11 -11.54 -13.70
CA LYS B 155 -2.59 -10.29 -13.15
C LYS B 155 -1.09 -10.12 -13.38
N ALA B 156 -0.33 -11.22 -13.29
CA ALA B 156 1.11 -11.15 -13.53
C ALA B 156 1.38 -10.79 -14.98
N GLY B 157 2.39 -9.94 -15.19
CA GLY B 157 2.75 -9.52 -16.52
C GLY B 157 2.00 -8.32 -17.06
N VAL B 158 1.04 -7.77 -16.31
CA VAL B 158 0.23 -6.66 -16.78
C VAL B 158 0.88 -5.35 -16.39
N GLU B 159 1.02 -4.43 -17.34
CA GLU B 159 1.34 -3.03 -17.03
C GLU B 159 0.45 -2.12 -17.85
N THR B 160 -0.21 -1.19 -17.16
CA THR B 160 -1.22 -0.33 -17.75
C THR B 160 -0.89 1.12 -17.43
N THR B 161 -1.01 1.98 -18.42
CA THR B 161 -0.78 3.40 -18.19
C THR B 161 -2.00 4.04 -17.52
N THR B 162 -1.75 5.14 -16.84
CA THR B 162 -2.84 6.05 -16.53
C THR B 162 -3.33 6.69 -17.83
N PRO B 163 -4.60 7.09 -17.90
CA PRO B 163 -5.09 7.75 -19.12
C PRO B 163 -4.46 9.11 -19.34
N SER B 164 -4.32 9.48 -20.61
CA SER B 164 -3.70 10.75 -21.00
C SER B 164 -4.56 11.45 -22.03
N LYS B 165 -4.61 12.78 -21.94
CA LYS B 165 -5.38 13.59 -22.88
C LYS B 165 -4.81 13.49 -24.28
N GLN B 166 -5.67 13.25 -25.25
CA GLN B 166 -5.34 13.34 -26.66
C GLN B 166 -5.52 14.78 -27.13
N SER B 167 -5.11 15.04 -28.37
CA SER B 167 -5.26 16.38 -28.91
C SER B 167 -6.71 16.76 -29.14
N ASN B 168 -7.60 15.78 -29.25
CA ASN B 168 -9.03 16.04 -29.44
C ASN B 168 -9.80 16.13 -28.12
N ASN B 169 -9.10 16.20 -27.00
CA ASN B 169 -9.58 16.38 -25.63
C ASN B 169 -10.17 15.10 -25.04
N LYS B 170 -10.28 14.02 -25.80
CA LYS B 170 -10.63 12.73 -25.22
C LYS B 170 -9.36 12.07 -24.67
N TYR B 171 -9.50 10.87 -24.13
CA TYR B 171 -8.42 10.22 -23.39
C TYR B 171 -7.94 8.95 -24.09
N ALA B 172 -6.67 8.62 -23.84
CA ALA B 172 -6.07 7.40 -24.35
C ALA B 172 -5.33 6.68 -23.22
N ALA B 173 -5.19 5.37 -23.39
CA ALA B 173 -4.41 4.56 -22.46
C ALA B 173 -3.95 3.33 -23.19
N SER B 174 -2.93 2.68 -22.66
CA SER B 174 -2.45 1.44 -23.25
C SER B 174 -2.14 0.45 -22.14
N SER B 175 -2.28 -0.84 -22.47
CA SER B 175 -2.01 -1.91 -21.51
C SER B 175 -1.25 -3.00 -22.24
N TYR B 176 -0.26 -3.56 -21.56
CA TYR B 176 0.64 -4.56 -22.12
C TYR B 176 0.60 -5.80 -21.25
N LEU B 177 0.63 -6.96 -21.89
CA LEU B 177 0.73 -8.23 -21.19
C LEU B 177 1.99 -8.95 -21.64
N SER B 178 2.95 -9.11 -20.74
CA SER B 178 4.18 -9.84 -21.02
C SER B 178 3.97 -11.31 -20.71
N LEU B 179 4.32 -12.16 -21.69
CA LEU B 179 4.17 -13.60 -21.61
C LEU B 179 5.45 -14.26 -22.10
N THR B 180 5.68 -15.49 -21.67
CA THR B 180 6.65 -16.31 -22.35
C THR B 180 6.03 -16.86 -23.64
N PRO B 181 6.85 -17.19 -24.64
CA PRO B 181 6.31 -17.84 -25.83
C PRO B 181 5.53 -19.10 -25.50
N GLU B 182 5.99 -19.86 -24.51
CA GLU B 182 5.29 -21.07 -24.10
C GLU B 182 3.89 -20.76 -23.56
N GLN B 183 3.77 -19.69 -22.78
CA GLN B 183 2.45 -19.29 -22.29
C GLN B 183 1.52 -18.88 -23.44
N TRP B 184 2.05 -18.09 -24.37
CA TRP B 184 1.26 -17.66 -25.52
C TRP B 184 0.77 -18.85 -26.33
N LYS B 185 1.69 -19.77 -26.67
CA LYS B 185 1.36 -20.89 -27.53
C LYS B 185 0.54 -21.98 -26.82
N SER B 186 0.50 -21.98 -25.49
CA SER B 186 -0.22 -23.03 -24.77
C SER B 186 -1.67 -22.69 -24.51
N HIS B 187 -2.01 -21.42 -24.35
CA HIS B 187 -3.40 -21.05 -24.17
C HIS B 187 -4.10 -20.94 -25.50
N ARG B 188 -5.43 -21.13 -25.48
CA ARG B 188 -6.21 -21.06 -26.70
C ARG B 188 -6.37 -19.62 -27.18
N SER B 189 -6.60 -18.68 -26.26
CA SER B 189 -6.73 -17.28 -26.65
C SER B 189 -6.47 -16.41 -25.44
N TYR B 190 -6.18 -15.13 -25.69
CA TYR B 190 -6.04 -14.12 -24.67
C TYR B 190 -6.98 -12.95 -24.99
N SER B 191 -7.52 -12.31 -23.96
CA SER B 191 -8.45 -11.20 -24.18
C SER B 191 -8.07 -9.99 -23.34
N CYS B 192 -8.27 -8.81 -23.93
CA CYS B 192 -8.19 -7.54 -23.23
C CYS B 192 -9.62 -7.00 -23.07
N GLN B 193 -10.08 -6.87 -21.83
CA GLN B 193 -11.42 -6.40 -21.52
C GLN B 193 -11.34 -5.02 -20.92
N VAL B 194 -12.03 -4.05 -21.51
CA VAL B 194 -11.98 -2.69 -20.96
C VAL B 194 -13.40 -2.25 -20.66
N THR B 195 -13.59 -1.75 -19.44
CA THR B 195 -14.88 -1.35 -18.93
C THR B 195 -14.85 0.15 -18.70
N HIS B 196 -15.96 0.80 -19.03
CA HIS B 196 -16.07 2.26 -18.97
C HIS B 196 -17.42 2.56 -18.34
N GLU B 197 -17.41 2.98 -17.07
CA GLU B 197 -18.63 3.23 -16.29
C GLU B 197 -19.60 2.06 -16.39
N GLY B 198 -19.06 0.85 -16.19
CA GLY B 198 -19.87 -0.35 -16.15
C GLY B 198 -20.18 -0.98 -17.49
N SER B 199 -19.74 -0.39 -18.59
CA SER B 199 -19.94 -0.95 -19.93
C SER B 199 -18.65 -1.59 -20.38
N THR B 200 -18.70 -2.88 -20.74
CA THR B 200 -17.51 -3.65 -21.03
C THR B 200 -17.47 -4.03 -22.51
N VAL B 201 -16.32 -3.85 -23.13
CA VAL B 201 -16.04 -4.38 -24.46
C VAL B 201 -14.78 -5.22 -24.34
N GLU B 202 -14.59 -6.13 -25.29
CA GLU B 202 -13.46 -7.05 -25.21
C GLU B 202 -12.95 -7.36 -26.61
N LYS B 203 -11.63 -7.44 -26.74
CA LYS B 203 -10.97 -7.94 -27.95
C LYS B 203 -10.18 -9.18 -27.58
N THR B 204 -10.05 -10.08 -28.55
CA THR B 204 -9.43 -11.38 -28.30
C THR B 204 -8.48 -11.68 -29.44
N VAL B 205 -7.31 -12.25 -29.11
CA VAL B 205 -6.35 -12.72 -30.09
C VAL B 205 -5.96 -14.15 -29.72
N ALA B 206 -5.43 -14.87 -30.70
CA ALA B 206 -5.09 -16.28 -30.47
C ALA B 206 -3.89 -16.65 -31.32
N PRO B 207 -3.07 -17.61 -30.87
CA PRO B 207 -1.96 -18.07 -31.70
C PRO B 207 -2.46 -18.70 -33.00
N THR B 208 -1.69 -18.49 -34.07
CA THR B 208 -1.95 -19.08 -35.39
C THR B 208 -3.34 -18.75 -35.96
N ASP C 1 14.87 -25.86 31.16
CA ASP C 1 13.64 -25.89 31.95
C ASP C 1 13.14 -24.48 32.21
N THR C 2 14.04 -23.50 32.09
CA THR C 2 13.70 -22.11 32.35
C THR C 2 13.97 -21.27 31.11
N ILE C 3 13.11 -20.28 30.90
CA ILE C 3 13.35 -19.20 29.94
C ILE C 3 14.17 -18.14 30.68
N THR C 4 15.41 -17.95 30.26
CA THR C 4 16.36 -17.09 30.96
C THR C 4 16.52 -15.80 30.17
N LEU C 5 16.04 -14.67 30.76
CA LEU C 5 16.12 -13.35 30.14
C LEU C 5 17.41 -12.65 30.58
N PRO C 6 18.23 -12.17 29.64
CA PRO C 6 19.43 -11.40 30.02
C PRO C 6 19.04 -9.95 30.32
N CYS C 7 19.55 -9.44 31.44
CA CYS C 7 19.15 -8.12 31.94
C CYS C 7 20.37 -7.27 32.24
N ARG C 8 20.22 -5.96 32.07
CA ARG C 8 21.27 -4.98 32.38
C ARG C 8 20.62 -3.77 33.04
N PRO C 9 21.10 -3.36 34.22
CA PRO C 9 22.12 -4.03 35.05
C PRO C 9 21.54 -5.32 35.67
N ALA C 10 22.26 -6.03 36.51
CA ALA C 10 21.83 -7.35 36.96
C ALA C 10 20.85 -7.21 38.11
N PRO C 11 19.58 -7.57 37.96
CA PRO C 11 18.63 -7.45 39.07
C PRO C 11 18.96 -8.46 40.15
N PRO C 12 18.94 -8.03 41.41
CA PRO C 12 19.26 -8.95 42.51
C PRO C 12 18.07 -9.85 42.83
N PRO C 13 18.29 -10.92 43.59
CA PRO C 13 17.18 -11.84 43.89
C PRO C 13 15.97 -11.18 44.55
N HIS C 14 16.17 -10.19 45.41
CA HIS C 14 15.02 -9.59 46.08
C HIS C 14 14.18 -8.75 45.13
N CYS C 15 14.62 -8.57 43.90
CA CYS C 15 13.83 -7.91 42.86
C CYS C 15 13.05 -8.88 41.99
N SER C 16 12.98 -10.15 42.37
CA SER C 16 12.12 -11.11 41.69
C SER C 16 10.64 -10.74 41.92
N SER C 17 9.79 -11.12 40.97
CA SER C 17 8.41 -10.65 40.97
C SER C 17 7.47 -11.75 40.48
N ASN C 18 6.18 -11.48 40.64
CA ASN C 18 5.11 -12.25 40.01
C ASN C 18 4.64 -11.51 38.76
N ILE C 19 4.67 -12.20 37.62
CA ILE C 19 4.05 -11.66 36.40
C ILE C 19 2.55 -11.86 36.50
N THR C 20 1.80 -10.77 36.57
CA THR C 20 0.37 -10.81 36.76
C THR C 20 -0.41 -10.39 35.52
N GLY C 21 0.27 -9.99 34.46
CA GLY C 21 -0.38 -9.60 33.23
C GLY C 21 0.66 -9.15 32.22
N LEU C 22 0.18 -8.81 31.02
CA LEU C 22 1.07 -8.30 29.99
C LEU C 22 0.26 -7.44 29.02
N ILE C 23 0.97 -6.70 28.17
CA ILE C 23 0.33 -5.76 27.25
C ILE C 23 0.90 -5.98 25.83
N LEU C 24 -0.01 -6.14 24.86
CA LEU C 24 0.35 -6.62 23.54
C LEU C 24 -0.12 -5.65 22.46
N THR C 25 0.50 -5.77 21.30
CA THR C 25 0.05 -5.14 20.05
C THR C 25 -0.24 -6.22 19.04
N ARG C 26 -1.39 -6.13 18.37
CA ARG C 26 -1.74 -7.03 17.28
C ARG C 26 -1.18 -6.46 15.97
N GLN C 27 -0.47 -7.29 15.22
CA GLN C 27 0.16 -6.82 13.98
C GLN C 27 -0.90 -6.51 12.93
N GLY C 28 -0.81 -5.34 12.31
CA GLY C 28 -1.81 -4.90 11.35
C GLY C 28 -1.56 -5.42 9.94
N GLY C 29 -2.48 -5.07 9.04
CA GLY C 29 -2.45 -5.59 7.69
C GLY C 29 -2.92 -7.02 7.63
N ALA C 33 -3.99 -15.04 6.35
CA ALA C 33 -3.67 -16.45 6.31
C ALA C 33 -4.32 -17.20 7.46
N ASN C 34 -5.40 -16.61 8.00
CA ASN C 34 -6.11 -17.11 9.17
C ASN C 34 -5.26 -17.13 10.42
N THR C 35 -4.11 -16.46 10.40
CA THR C 35 -3.25 -16.33 11.58
C THR C 35 -3.27 -14.87 12.06
N VAL C 36 -3.09 -14.70 13.36
CA VAL C 36 -3.01 -13.38 13.97
C VAL C 36 -1.72 -13.33 14.78
N ILE C 37 -0.97 -12.25 14.65
CA ILE C 37 0.35 -12.10 15.25
C ILE C 37 0.26 -11.05 16.36
N PHE C 38 0.86 -11.36 17.52
CA PHE C 38 0.89 -10.46 18.66
C PHE C 38 2.33 -10.29 19.12
N ARG C 39 2.65 -9.07 19.56
CA ARG C 39 3.96 -8.69 20.02
C ARG C 39 3.81 -7.90 21.31
N PRO C 40 4.85 -7.80 22.13
CA PRO C 40 4.79 -6.86 23.26
C PRO C 40 4.52 -5.44 22.75
N SER C 41 3.76 -4.68 23.53
CA SER C 41 3.08 -3.47 23.04
C SER C 41 4.04 -2.47 22.42
N GLY C 42 3.62 -1.92 21.28
CA GLY C 42 4.28 -0.78 20.67
C GLY C 42 3.82 0.55 21.22
N GLY C 43 2.99 0.53 22.27
CA GLY C 43 2.49 1.74 22.88
C GLY C 43 3.46 2.35 23.86
N ASP C 44 2.93 2.97 24.91
CA ASP C 44 3.79 3.63 25.90
C ASP C 44 3.09 3.59 27.25
N TRP C 45 3.52 4.46 28.18
CA TRP C 45 2.95 4.49 29.52
C TRP C 45 1.45 4.72 29.51
N ARG C 46 0.94 5.47 28.52
CA ARG C 46 -0.49 5.72 28.45
C ARG C 46 -1.28 4.43 28.24
N ASP C 47 -0.79 3.54 27.37
CA ASP C 47 -1.45 2.25 27.15
C ASP C 47 -1.50 1.45 28.45
N ILE C 48 -0.37 1.41 29.16
CA ILE C 48 -0.28 0.62 30.39
C ILE C 48 -1.24 1.16 31.45
N ALA C 49 -1.27 2.49 31.61
CA ALA C 49 -2.17 3.10 32.58
C ALA C 49 -3.63 2.78 32.28
N ARG C 50 -4.02 2.81 31.00
CA ARG C 50 -5.40 2.51 30.64
C ARG C 50 -5.78 1.07 30.94
N CYS C 51 -4.81 0.18 31.09
CA CYS C 51 -5.13 -1.20 31.48
C CYS C 51 -5.65 -1.27 32.90
N GLN C 52 -5.13 -0.42 33.80
CA GLN C 52 -5.58 -0.35 35.19
C GLN C 52 -5.48 -1.69 35.91
N ILE C 53 -4.43 -2.46 35.64
CA ILE C 53 -4.21 -3.70 36.37
C ILE C 53 -2.78 -3.76 36.92
N ALA C 54 -2.07 -2.63 36.89
CA ALA C 54 -0.72 -2.61 37.43
C ALA C 54 -0.74 -2.42 38.95
N GLY C 55 0.39 -2.74 39.57
CA GLY C 55 0.59 -2.53 41.00
C GLY C 55 1.36 -1.26 41.27
N THR C 56 2.26 -1.32 42.26
CA THR C 56 3.15 -0.21 42.56
C THR C 56 4.43 -0.24 41.72
N VAL C 57 4.65 -1.31 40.95
CA VAL C 57 5.86 -1.48 40.16
C VAL C 57 5.66 -0.84 38.79
N VAL C 58 6.62 -0.02 38.38
CA VAL C 58 6.58 0.58 37.04
C VAL C 58 7.31 -0.37 36.12
N SER C 59 6.61 -0.90 35.11
CA SER C 59 7.23 -1.89 34.24
C SER C 59 6.55 -1.86 32.87
N THR C 60 7.29 -2.35 31.88
CA THR C 60 6.83 -2.42 30.50
C THR C 60 6.75 -3.87 30.05
N GLN C 61 5.79 -4.12 29.15
CA GLN C 61 5.46 -5.36 28.45
C GLN C 61 4.84 -6.41 29.36
N LEU C 62 5.19 -6.36 30.65
CA LEU C 62 4.75 -7.33 31.63
C LEU C 62 4.39 -6.54 32.87
N PHE C 63 3.24 -6.86 33.46
CA PHE C 63 2.86 -6.29 34.74
C PHE C 63 3.41 -7.16 35.85
N LEU C 64 4.04 -6.53 36.83
CA LEU C 64 4.72 -7.23 37.92
C LEU C 64 4.07 -6.82 39.23
N ASN C 65 3.73 -7.82 40.05
CA ASN C 65 3.15 -7.59 41.37
C ASN C 65 1.84 -6.82 41.30
N GLY C 66 1.05 -7.06 40.24
CA GLY C 66 -0.19 -6.36 40.01
C GLY C 66 -1.41 -7.21 40.33
N SER C 67 -2.55 -6.77 39.80
CA SER C 67 -3.82 -7.44 40.08
C SER C 67 -3.99 -8.68 39.22
N LEU C 68 -4.64 -9.69 39.79
CA LEU C 68 -4.96 -10.91 39.09
C LEU C 68 -6.45 -11.04 38.87
N ALA C 69 -6.82 -11.85 37.88
CA ALA C 69 -8.22 -12.21 37.65
C ALA C 69 -8.59 -13.41 38.51
N GLU C 70 -9.91 -13.58 38.72
CA GLU C 70 -10.37 -14.58 39.67
C GLU C 70 -10.20 -16.00 39.11
N GLU C 71 -10.89 -16.31 38.02
CA GLU C 71 -11.00 -17.67 37.53
C GLU C 71 -10.07 -17.96 36.35
N GLU C 72 -10.05 -17.09 35.35
CA GLU C 72 -9.30 -17.37 34.14
C GLU C 72 -8.74 -16.08 33.58
N VAL C 73 -7.89 -16.23 32.56
CA VAL C 73 -7.30 -15.06 31.90
C VAL C 73 -8.40 -14.18 31.34
N VAL C 74 -8.24 -12.87 31.52
CA VAL C 74 -9.15 -11.87 30.96
C VAL C 74 -8.35 -10.95 30.07
N ILE C 75 -8.82 -10.75 28.85
CA ILE C 75 -8.18 -9.83 27.90
C ILE C 75 -9.16 -8.71 27.60
N ARG C 76 -8.65 -7.48 27.55
CA ARG C 76 -9.49 -6.32 27.28
C ARG C 76 -8.80 -5.41 26.26
N SER C 77 -9.62 -4.63 25.58
CA SER C 77 -9.15 -3.61 24.66
C SER C 77 -10.19 -2.51 24.60
N GLU C 78 -9.72 -1.27 24.43
CA GLU C 78 -10.64 -0.18 24.13
C GLU C 78 -11.28 -0.36 22.76
N ASP C 79 -10.61 -1.08 21.86
CA ASP C 79 -11.17 -1.41 20.54
C ASP C 79 -10.39 -2.57 19.94
N TRP C 80 -11.02 -3.74 19.84
CA TRP C 80 -10.34 -4.93 19.34
C TRP C 80 -9.92 -4.81 17.88
N ARG C 81 -10.64 -4.01 17.09
CA ARG C 81 -10.35 -3.90 15.67
C ARG C 81 -9.26 -2.88 15.36
N ASP C 82 -8.70 -2.23 16.38
CA ASP C 82 -7.77 -1.11 16.21
C ASP C 82 -6.38 -1.59 16.60
N ASN C 83 -5.52 -1.85 15.60
CA ASN C 83 -4.18 -2.34 15.90
C ASN C 83 -3.29 -1.27 16.54
N ALA C 84 -3.75 -0.02 16.59
CA ALA C 84 -3.02 1.04 17.27
C ALA C 84 -3.41 1.18 18.73
N LYS C 85 -4.28 0.30 19.25
CA LYS C 85 -4.61 0.28 20.67
C LYS C 85 -4.19 -1.06 21.25
N SER C 86 -3.56 -1.01 22.42
CA SER C 86 -2.98 -2.21 23.00
C SER C 86 -4.06 -3.13 23.56
N ILE C 87 -3.67 -4.39 23.76
CA ILE C 87 -4.54 -5.40 24.37
C ILE C 87 -4.01 -5.70 25.76
N CYS C 88 -4.83 -5.49 26.77
CA CYS C 88 -4.44 -5.75 28.15
C CYS C 88 -4.79 -7.19 28.51
N VAL C 89 -3.80 -7.93 29.01
CA VAL C 89 -3.95 -9.32 29.40
C VAL C 89 -3.78 -9.40 30.90
N GLN C 90 -4.82 -9.83 31.60
CA GLN C 90 -4.77 -10.02 33.05
C GLN C 90 -4.75 -11.52 33.32
N LEU C 91 -3.68 -11.99 33.95
CA LEU C 91 -3.57 -13.40 34.26
C LEU C 91 -4.39 -13.74 35.50
N ALA C 92 -4.72 -15.02 35.63
CA ALA C 92 -5.41 -15.52 36.80
C ALA C 92 -4.46 -16.14 37.82
N THR C 93 -3.39 -16.79 37.35
CA THR C 93 -2.34 -17.31 38.21
C THR C 93 -1.02 -16.64 37.83
N SER C 94 -0.31 -16.12 38.81
CA SER C 94 0.92 -15.40 38.53
C SER C 94 2.00 -16.35 38.04
N VAL C 95 2.96 -15.80 37.31
CA VAL C 95 4.12 -16.53 36.82
C VAL C 95 5.34 -15.88 37.44
N GLU C 96 6.03 -16.61 38.31
CA GLU C 96 7.17 -16.06 39.00
C GLU C 96 8.32 -15.82 38.03
N ILE C 97 8.94 -14.65 38.11
CA ILE C 97 10.18 -14.35 37.41
C ILE C 97 11.24 -14.11 38.48
N ALA C 98 12.24 -14.99 38.53
CA ALA C 98 13.21 -15.01 39.61
C ALA C 98 14.57 -14.58 39.07
N CYS C 99 15.09 -13.47 39.60
CA CYS C 99 16.38 -12.96 39.18
C CYS C 99 17.48 -13.53 40.07
N THR C 100 18.64 -13.75 39.46
CA THR C 100 19.76 -14.43 40.13
C THR C 100 20.76 -13.48 40.77
N GLY C 101 20.78 -12.21 40.36
CA GLY C 101 21.83 -11.30 40.76
C GLY C 101 23.08 -11.37 39.92
N ALA C 102 23.17 -12.34 39.01
CA ALA C 102 24.32 -12.50 38.14
C ALA C 102 24.07 -12.02 36.72
N GLY C 103 22.91 -11.45 36.44
CA GLY C 103 22.60 -10.88 35.14
C GLY C 103 21.40 -11.47 34.43
N HIS C 104 20.69 -12.42 35.02
CA HIS C 104 19.54 -13.03 34.36
C HIS C 104 18.35 -13.07 35.31
N CYS C 105 17.16 -13.13 34.71
CA CYS C 105 15.93 -13.43 35.44
C CYS C 105 15.25 -14.56 34.71
N ALA C 106 14.67 -15.49 35.46
CA ALA C 106 14.27 -16.79 34.94
C ALA C 106 12.78 -17.02 35.15
N ILE C 107 12.15 -17.63 34.15
CA ILE C 107 10.73 -17.94 34.14
C ILE C 107 10.59 -19.42 33.84
N SER C 108 9.61 -20.06 34.48
CA SER C 108 9.32 -21.46 34.16
C SER C 108 8.85 -21.59 32.73
N ARG C 109 9.62 -22.33 31.92
CA ARG C 109 9.24 -22.56 30.53
C ARG C 109 7.88 -23.26 30.46
N ALA C 110 7.65 -24.25 31.32
CA ALA C 110 6.40 -25.00 31.26
C ALA C 110 5.20 -24.13 31.61
N LYS C 111 5.33 -23.28 32.62
CA LYS C 111 4.21 -22.44 33.03
C LYS C 111 4.01 -21.28 32.06
N TRP C 112 5.07 -20.80 31.40
CA TRP C 112 4.91 -19.73 30.43
C TRP C 112 4.20 -20.25 29.17
N ALA C 113 4.54 -21.46 28.73
CA ALA C 113 3.85 -22.07 27.61
C ALA C 113 2.37 -22.27 27.94
N ASN C 114 2.07 -22.74 29.15
CA ASN C 114 0.68 -22.93 29.52
C ASN C 114 -0.06 -21.61 29.63
N THR C 115 0.63 -20.54 30.05
CA THR C 115 -0.01 -19.24 30.12
C THR C 115 -0.32 -18.70 28.73
N LEU C 116 0.64 -18.81 27.81
CA LEU C 116 0.42 -18.33 26.45
C LEU C 116 -0.69 -19.11 25.76
N LYS C 117 -0.79 -20.42 26.04
CA LYS C 117 -1.86 -21.21 25.45
C LYS C 117 -3.23 -20.67 25.83
N GLN C 118 -3.43 -20.32 27.09
CA GLN C 118 -4.70 -19.77 27.53
C GLN C 118 -4.94 -18.38 26.94
N ILE C 119 -3.89 -17.56 26.87
CA ILE C 119 -4.00 -16.25 26.24
C ILE C 119 -4.43 -16.41 24.79
N ALA C 120 -3.80 -17.35 24.07
CA ALA C 120 -4.18 -17.61 22.70
C ALA C 120 -5.64 -18.02 22.59
N SER C 121 -6.12 -18.87 23.52
CA SER C 121 -7.51 -19.27 23.50
C SER C 121 -8.44 -18.07 23.68
N LYS C 122 -8.10 -17.17 24.60
CA LYS C 122 -8.91 -15.97 24.80
C LYS C 122 -8.85 -15.06 23.56
N LEU C 123 -7.67 -14.91 22.96
CA LEU C 123 -7.55 -14.12 21.74
C LEU C 123 -8.34 -14.76 20.61
N ARG C 124 -8.33 -16.09 20.54
CA ARG C 124 -9.04 -16.81 19.50
C ARG C 124 -10.54 -16.60 19.59
N GLU C 125 -11.09 -16.55 20.81
CA GLU C 125 -12.52 -16.31 20.94
C GLU C 125 -12.89 -14.86 20.73
N GLN C 126 -11.91 -13.98 20.54
CA GLN C 126 -12.14 -12.58 20.22
C GLN C 126 -12.02 -12.29 18.72
N TYR C 127 -11.01 -12.87 18.07
CA TYR C 127 -10.76 -12.67 16.65
C TYR C 127 -11.19 -13.85 15.80
N GLY C 128 -11.91 -14.81 16.38
CA GLY C 128 -12.20 -16.03 15.66
C GLY C 128 -10.89 -16.70 15.29
N ALA C 129 -10.69 -16.93 14.00
CA ALA C 129 -9.42 -17.40 13.45
C ALA C 129 -8.98 -18.72 14.06
N LYS C 130 -7.80 -19.22 13.65
CA LYS C 130 -7.25 -20.43 14.25
C LYS C 130 -5.88 -20.19 14.87
N THR C 131 -4.92 -19.66 14.13
CA THR C 131 -3.52 -19.70 14.53
C THR C 131 -3.14 -18.38 15.20
N ILE C 132 -2.66 -18.47 16.44
CA ILE C 132 -2.19 -17.33 17.22
C ILE C 132 -0.68 -17.43 17.31
N ILE C 133 0.01 -16.35 16.93
CA ILE C 133 1.46 -16.31 16.90
C ILE C 133 1.95 -15.17 17.77
N PHE C 134 2.93 -15.45 18.62
CA PHE C 134 3.61 -14.44 19.42
C PHE C 134 5.00 -14.23 18.85
N LYS C 135 5.36 -12.97 18.61
CA LYS C 135 6.65 -12.58 18.06
C LYS C 135 7.28 -11.50 18.93
N PRO C 136 8.61 -11.35 18.86
CA PRO C 136 9.28 -10.34 19.69
C PRO C 136 8.87 -8.92 19.31
N SER C 137 9.30 -7.97 20.15
CA SER C 137 9.00 -6.57 19.91
C SER C 137 9.37 -6.15 18.49
N SER C 138 8.52 -5.32 17.89
CA SER C 138 8.85 -4.72 16.60
C SER C 138 10.01 -3.74 16.69
N GLY C 139 10.28 -3.21 17.88
CA GLY C 139 11.35 -2.27 18.09
C GLY C 139 10.96 -1.20 19.09
N GLY C 140 11.89 -0.32 19.44
CA GLY C 140 11.56 0.79 20.32
C GLY C 140 12.77 1.25 21.12
N ASP C 141 12.55 2.34 21.87
CA ASP C 141 13.52 2.83 22.83
C ASP C 141 13.81 1.74 23.86
N PRO C 142 14.98 1.79 24.51
CA PRO C 142 15.38 0.68 25.38
C PRO C 142 14.35 0.29 26.42
N GLU C 143 13.66 1.25 27.03
CA GLU C 143 12.74 0.88 28.09
C GLU C 143 11.51 0.16 27.57
N PHE C 144 11.18 0.32 26.28
CA PHE C 144 9.97 -0.31 25.75
C PHE C 144 10.24 -1.54 24.89
N VAL C 145 11.37 -1.59 24.17
CA VAL C 145 11.69 -2.78 23.41
C VAL C 145 12.15 -3.92 24.32
N ASN C 146 12.59 -3.60 25.53
CA ASN C 146 12.87 -4.59 26.57
C ASN C 146 11.75 -4.59 27.59
N HIS C 147 11.56 -5.72 28.26
CA HIS C 147 10.82 -5.74 29.51
C HIS C 147 11.65 -5.01 30.55
N SER C 148 11.20 -3.84 30.97
CA SER C 148 11.99 -3.00 31.84
C SER C 148 11.17 -2.64 33.08
N PHE C 149 11.86 -2.45 34.21
CA PHE C 149 11.15 -2.20 35.46
C PHE C 149 12.11 -1.55 36.46
N ASN C 150 11.52 -0.86 37.43
CA ASN C 150 12.28 -0.28 38.53
C ASN C 150 12.22 -1.21 39.73
N CYS C 151 13.34 -1.29 40.45
CA CYS C 151 13.38 -2.01 41.72
C CYS C 151 14.56 -1.51 42.53
N GLY C 152 14.32 -1.19 43.80
CA GLY C 152 15.42 -0.85 44.70
C GLY C 152 16.28 0.31 44.23
N GLY C 153 15.65 1.35 43.69
CA GLY C 153 16.36 2.53 43.24
C GLY C 153 17.01 2.43 41.88
N GLU C 154 16.83 1.32 41.17
CA GLU C 154 17.47 1.12 39.88
C GLU C 154 16.41 0.83 38.83
N PHE C 155 16.76 1.08 37.57
CA PHE C 155 15.90 0.71 36.45
C PHE C 155 16.61 -0.35 35.62
N PHE C 156 15.92 -1.46 35.37
CA PHE C 156 16.49 -2.65 34.77
C PHE C 156 15.87 -2.90 33.40
N TYR C 157 16.69 -3.42 32.49
CA TYR C 157 16.26 -3.74 31.12
C TYR C 157 16.53 -5.21 30.85
N CYS C 158 15.46 -5.97 30.60
CA CYS C 158 15.55 -7.39 30.28
C CYS C 158 15.06 -7.64 28.86
N ALA C 159 15.92 -8.23 28.02
CA ALA C 159 15.48 -8.63 26.69
C ALA C 159 14.44 -9.74 26.80
N SER C 160 13.31 -9.55 26.13
CA SER C 160 12.17 -10.45 26.25
C SER C 160 11.99 -11.35 25.04
N THR C 161 12.98 -11.40 24.14
CA THR C 161 12.82 -12.11 22.89
C THR C 161 12.31 -13.54 23.10
N GLN C 162 12.88 -14.26 24.07
CA GLN C 162 12.51 -15.64 24.29
C GLN C 162 11.11 -15.82 24.86
N LEU C 163 10.49 -14.76 25.39
CA LEU C 163 9.13 -14.90 25.90
C LEU C 163 8.09 -14.90 24.80
N PHE C 164 8.37 -14.27 23.67
CA PHE C 164 7.41 -14.15 22.57
C PHE C 164 8.02 -14.71 21.30
N ALA C 165 8.03 -16.04 21.19
CA ALA C 165 8.34 -16.68 19.92
C ALA C 165 7.69 -18.07 19.96
N SER C 166 6.43 -18.16 19.54
CA SER C 166 5.74 -19.43 19.65
C SER C 166 4.45 -19.35 18.86
N THR C 167 4.04 -20.49 18.33
CA THR C 167 2.87 -20.61 17.47
C THR C 167 1.89 -21.56 18.14
N TRP C 168 0.61 -21.17 18.16
CA TRP C 168 -0.45 -21.97 18.76
C TRP C 168 -1.55 -22.15 17.73
N PHE C 169 -1.71 -23.37 17.25
CA PHE C 169 -2.70 -23.68 16.22
C PHE C 169 -3.97 -24.25 16.81
#